data_5B0V
#
_entry.id   5B0V
#
_cell.length_a   95.810
_cell.length_b   107.310
_cell.length_c   127.650
_cell.angle_alpha   90.00
_cell.angle_beta   90.00
_cell.angle_gamma   90.00
#
_symmetry.space_group_name_H-M   'I 2 2 2'
#
loop_
_entity.id
_entity.type
_entity.pdbx_description
1 polymer 'Matrix protein VP40'
2 non-polymer ETHANOL
3 water water
#
_entity_poly.entity_id   1
_entity_poly.type   'polypeptide(L)'
_entity_poly.pdbx_seq_one_letter_code
;(MSE)AHHHHHHVDDDDK(MSE)ASSSNYNTY(MSE)QYLNPPPYADHGANQLIPADQLSNQQGITPNYVGDLNLDDQFK
GNVCHAFTLEAIIDISAYNERTVKGVPAWLPLGI(MSE)SNFEYPLAHTVAALLTGSYTITQFTHNGQKFVRVNRLGTGI
PAHPLR(MSE)LREGNQAFIQN(MSE)VIPRNFSTNQFTYNLTNLVLSVQKLPDDAWRPSKDKLIGNT(MSE)HPAVSIH
PNLPPIVLPTVKKQAYRQHKNPNNGPLLAISGILHQLRVEKVPEKTSLFRISLPAD(MSE)FSVKEG(MSE)(MSE)KKR
GENSPVVYFQAPENFPLNGFNNRQVVLAYANPTLSAV
;
_entity_poly.pdbx_strand_id   A,B
#
# COMPACT_ATOMS: atom_id res chain seq x y z
N GLY A 52 -10.02 -14.13 -1.76
CA GLY A 52 -9.52 -13.07 -0.82
C GLY A 52 -9.81 -11.65 -1.27
N ILE A 53 -9.61 -10.69 -0.37
CA ILE A 53 -9.88 -9.26 -0.66
C ILE A 53 -8.70 -8.38 -0.18
N THR A 54 -8.28 -7.40 -0.99
CA THR A 54 -7.18 -6.54 -0.59
C THR A 54 -7.69 -5.21 -0.06
N PRO A 55 -6.95 -4.60 0.85
CA PRO A 55 -7.48 -3.39 1.40
C PRO A 55 -7.11 -2.16 0.61
N ASN A 56 -7.69 -1.05 0.99
CA ASN A 56 -7.12 0.20 0.54
C ASN A 56 -6.85 1.03 1.77
N TYR A 57 -6.29 2.19 1.55
CA TYR A 57 -5.54 2.82 2.62
C TYR A 57 -6.21 4.09 3.08
N VAL A 58 -6.01 4.36 4.35
CA VAL A 58 -6.39 5.63 4.90
C VAL A 58 -5.43 5.87 6.06
N GLY A 59 -4.96 7.11 6.20
CA GLY A 59 -4.01 7.46 7.26
C GLY A 59 -3.26 8.77 7.11
N ASP A 60 -2.35 9.02 8.03
CA ASP A 60 -1.50 10.20 7.99
C ASP A 60 -0.04 9.81 7.90
N LEU A 61 0.22 8.62 7.41
CA LEU A 61 1.56 8.16 7.29
C LEU A 61 2.36 8.95 6.24
N ASN A 62 3.63 9.22 6.54
CA ASN A 62 4.54 9.92 5.66
C ASN A 62 5.77 9.06 5.37
N LEU A 63 5.88 8.59 4.15
CA LEU A 63 6.97 7.72 3.73
C LEU A 63 8.32 8.41 3.72
N ASP A 64 8.33 9.73 3.51
CA ASP A 64 9.58 10.49 3.56
C ASP A 64 10.26 10.39 4.92
N ASP A 65 9.51 10.02 5.96
CA ASP A 65 10.08 9.74 7.25
C ASP A 65 10.42 8.28 7.48
N GLN A 66 10.38 7.43 6.45
CA GLN A 66 10.66 5.99 6.66
C GLN A 66 12.00 5.72 7.34
N PHE A 67 12.94 6.66 7.20
CA PHE A 67 14.25 6.53 7.82
C PHE A 67 14.42 7.23 9.16
N LYS A 68 13.34 7.78 9.70
CA LYS A 68 13.33 8.25 11.09
C LYS A 68 12.78 7.14 11.93
N GLY A 69 13.70 6.45 12.62
CA GLY A 69 13.39 5.22 13.31
C GLY A 69 12.46 5.37 14.48
N ASN A 70 12.34 6.60 14.98
CA ASN A 70 11.51 6.90 16.15
C ASN A 70 10.09 7.41 15.82
N VAL A 71 9.56 7.03 14.67
CA VAL A 71 8.22 7.39 14.31
C VAL A 71 7.41 6.13 14.46
N CYS A 72 6.26 6.22 15.16
CA CYS A 72 5.42 5.05 15.42
C CYS A 72 4.10 5.16 14.69
N HIS A 73 3.66 4.02 14.19
CA HIS A 73 2.38 3.96 13.59
C HIS A 73 1.58 2.93 14.31
N ALA A 74 0.31 3.25 14.52
CA ALA A 74 -0.72 2.26 14.85
C ALA A 74 -1.34 1.78 13.54
N PHE A 75 -1.39 0.46 13.39
CA PHE A 75 -1.96 -0.22 12.22
C PHE A 75 -3.24 -0.93 12.59
N THR A 76 -4.30 -0.66 11.85
CA THR A 76 -5.61 -1.27 12.09
C THR A 76 -6.34 -1.62 10.79
N LEU A 77 -6.87 -2.82 10.71
CA LEU A 77 -7.80 -3.14 9.64
C LEU A 77 -9.22 -2.78 10.04
N GLU A 78 -9.91 -2.12 9.13
CA GLU A 78 -11.32 -1.79 9.28
C GLU A 78 -12.06 -2.60 8.26
N ALA A 79 -13.04 -3.38 8.71
CA ALA A 79 -13.69 -4.33 7.82
C ALA A 79 -15.18 -4.14 7.74
N ILE A 80 -15.74 -4.48 6.59
CA ILE A 80 -17.15 -4.72 6.42
C ILE A 80 -17.36 -6.22 6.21
N ILE A 81 -18.34 -6.77 6.92
CA ILE A 81 -18.53 -8.20 7.01
C ILE A 81 -19.98 -8.49 6.72
N ASP A 82 -20.23 -9.46 5.84
CA ASP A 82 -21.57 -9.99 5.60
C ASP A 82 -21.68 -11.27 6.43
N ILE A 83 -22.76 -11.38 7.22
CA ILE A 83 -23.01 -12.51 8.10
C ILE A 83 -24.19 -13.32 7.59
N SER A 84 -24.22 -14.65 7.78
CA SER A 84 -25.22 -15.53 7.13
C SER A 84 -25.43 -16.88 7.84
N ASN A 87 -28.35 -20.12 7.58
CA ASN A 87 -29.48 -20.77 6.94
C ASN A 87 -30.57 -19.78 6.53
N GLU A 88 -30.74 -18.74 7.35
CA GLU A 88 -31.75 -17.70 7.08
C GLU A 88 -31.14 -16.44 6.39
N ARG A 89 -31.88 -15.33 6.38
CA ARG A 89 -31.45 -14.10 5.65
C ARG A 89 -30.08 -13.58 6.12
N THR A 90 -29.20 -13.34 5.17
CA THR A 90 -27.87 -12.87 5.51
C THR A 90 -27.88 -11.36 5.75
N VAL A 91 -27.03 -10.91 6.67
CA VAL A 91 -26.96 -9.51 7.09
C VAL A 91 -25.72 -8.90 6.48
N LYS A 92 -25.90 -7.82 5.73
CA LYS A 92 -24.80 -7.21 5.00
C LYS A 92 -24.41 -5.86 5.56
N GLY A 93 -23.11 -5.61 5.66
CA GLY A 93 -22.62 -4.33 6.15
C GLY A 93 -22.17 -4.18 7.59
N VAL A 94 -22.03 -5.26 8.35
CA VAL A 94 -21.49 -5.10 9.71
C VAL A 94 -20.00 -4.63 9.69
N PRO A 95 -19.72 -3.43 10.22
CA PRO A 95 -18.37 -2.95 10.32
C PRO A 95 -17.66 -3.55 11.55
N ALA A 96 -16.33 -3.70 11.46
CA ALA A 96 -15.51 -4.16 12.58
C ALA A 96 -14.10 -3.59 12.50
N TRP A 97 -13.49 -3.45 13.68
CA TRP A 97 -12.18 -2.82 13.84
C TRP A 97 -11.17 -3.78 14.40
N LEU A 98 -10.09 -3.99 13.66
CA LEU A 98 -9.14 -5.07 13.92
C LEU A 98 -7.73 -4.51 14.06
N PRO A 99 -7.32 -4.22 15.29
CA PRO A 99 -5.94 -3.77 15.49
C PRO A 99 -4.95 -4.84 15.07
N LEU A 100 -3.85 -4.45 14.45
CA LEU A 100 -2.79 -5.40 14.09
C LEU A 100 -1.50 -5.14 14.83
N GLY A 101 -1.39 -3.97 15.47
CA GLY A 101 -0.19 -3.63 16.20
C GLY A 101 0.27 -2.20 16.06
N ILE A 102 1.18 -1.84 16.96
CA ILE A 102 1.88 -0.58 16.88
C ILE A 102 3.35 -0.84 16.62
N SER A 104 7.35 0.96 15.47
CA SER A 104 8.20 2.09 15.17
C SER A 104 9.08 1.76 13.96
N ASN A 105 9.43 2.79 13.20
CA ASN A 105 10.16 2.58 11.98
C ASN A 105 11.44 1.75 12.11
N PHE A 106 12.14 1.84 13.24
CA PHE A 106 13.39 1.05 13.39
C PHE A 106 13.15 -0.46 13.50
N GLU A 107 11.92 -0.89 13.84
CA GLU A 107 11.67 -2.31 14.04
C GLU A 107 11.62 -3.10 12.74
N TYR A 108 11.24 -2.42 11.65
CA TYR A 108 11.25 -3.04 10.32
C TYR A 108 11.09 -2.00 9.24
N PRO A 109 11.76 -2.17 8.07
CA PRO A 109 11.53 -1.14 7.04
C PRO A 109 10.03 -0.87 6.84
N LEU A 110 9.65 0.39 6.96
CA LEU A 110 8.28 0.81 6.82
C LEU A 110 7.66 0.48 5.45
N ALA A 111 8.35 0.78 4.35
CA ALA A 111 7.78 0.62 3.02
C ALA A 111 7.44 -0.82 2.73
N HIS A 112 8.34 -1.72 3.05
CA HIS A 112 8.01 -3.14 2.96
C HIS A 112 6.77 -3.44 3.77
N THR A 113 6.75 -2.98 5.00
CA THR A 113 5.65 -3.27 5.90
C THR A 113 4.32 -2.84 5.27
N VAL A 114 4.28 -1.60 4.81
CA VAL A 114 3.08 -1.05 4.22
C VAL A 114 2.72 -1.72 2.89
N ALA A 115 3.73 -1.99 2.06
CA ALA A 115 3.49 -2.63 0.78
C ALA A 115 2.97 -4.04 1.01
N ALA A 116 3.56 -4.72 1.97
CA ALA A 116 3.19 -6.08 2.30
C ALA A 116 1.72 -6.13 2.76
N LEU A 117 1.31 -5.12 3.51
CA LEU A 117 -0.02 -5.12 4.09
C LEU A 117 -1.05 -4.85 3.01
N LEU A 118 -0.80 -3.82 2.20
CA LEU A 118 -1.75 -3.44 1.18
C LEU A 118 -1.73 -4.36 -0.05
N THR A 119 -0.70 -5.19 -0.22
CA THR A 119 -0.75 -6.15 -1.32
C THR A 119 -1.42 -7.47 -0.91
N GLY A 120 -1.67 -7.67 0.38
CA GLY A 120 -2.22 -8.93 0.85
C GLY A 120 -3.69 -9.12 0.52
N SER A 121 -4.06 -10.37 0.21
CA SER A 121 -5.44 -10.79 0.11
C SER A 121 -5.86 -11.39 1.44
N TYR A 122 -6.96 -10.89 2.00
CA TYR A 122 -7.43 -11.37 3.29
C TYR A 122 -8.76 -12.15 3.30
N THR A 123 -8.86 -13.05 4.27
CA THR A 123 -10.00 -13.92 4.49
C THR A 123 -10.35 -13.90 5.97
N ILE A 124 -11.60 -14.18 6.27
CA ILE A 124 -12.02 -14.34 7.67
C ILE A 124 -12.51 -15.76 7.92
N THR A 125 -12.11 -16.34 9.03
CA THR A 125 -12.55 -17.68 9.43
C THR A 125 -12.91 -17.65 10.90
N GLN A 126 -13.46 -18.74 11.39
CA GLN A 126 -13.87 -18.86 12.78
C GLN A 126 -13.20 -20.05 13.37
N PHE A 127 -12.95 -20.01 14.67
CA PHE A 127 -12.58 -21.21 15.41
C PHE A 127 -12.87 -21.06 16.91
N THR A 128 -13.00 -22.18 17.61
CA THR A 128 -13.15 -22.16 19.07
C THR A 128 -11.80 -22.49 19.74
N HIS A 129 -11.51 -21.84 20.84
CA HIS A 129 -10.25 -22.06 21.56
C HIS A 129 -10.42 -21.97 23.06
N ASN A 130 -10.09 -23.06 23.74
CA ASN A 130 -10.35 -23.18 25.17
C ASN A 130 -11.79 -22.78 25.46
N GLY A 131 -12.71 -23.31 24.65
CA GLY A 131 -14.11 -22.93 24.70
C GLY A 131 -14.30 -21.43 24.70
N GLN A 132 -13.80 -20.76 23.68
CA GLN A 132 -14.02 -19.33 23.56
C GLN A 132 -14.00 -18.96 22.08
N LYS A 133 -15.02 -18.27 21.60
CA LYS A 133 -15.19 -18.12 20.16
C LYS A 133 -14.27 -17.03 19.62
N PHE A 134 -13.50 -17.41 18.61
CA PHE A 134 -12.56 -16.52 17.96
C PHE A 134 -12.86 -16.33 16.50
N VAL A 135 -12.21 -15.33 15.93
CA VAL A 135 -12.35 -15.00 14.52
C VAL A 135 -10.93 -14.71 13.99
N ARG A 136 -10.51 -15.42 12.95
CA ARG A 136 -9.17 -15.26 12.41
C ARG A 136 -9.19 -14.60 11.06
N VAL A 137 -8.56 -13.44 10.95
CA VAL A 137 -8.37 -12.87 9.62
C VAL A 137 -7.02 -13.30 9.09
N ASN A 138 -7.04 -13.86 7.89
CA ASN A 138 -5.90 -14.50 7.27
C ASN A 138 -5.37 -13.70 6.10
N ARG A 139 -4.05 -13.56 6.04
CA ARG A 139 -3.41 -12.93 4.90
C ARG A 139 -2.80 -14.04 4.08
N LEU A 140 -3.24 -14.17 2.84
CA LEU A 140 -2.88 -15.34 2.03
C LEU A 140 -1.41 -15.31 1.59
N GLY A 141 -0.85 -16.49 1.48
CA GLY A 141 0.53 -16.65 1.04
C GLY A 141 1.52 -16.59 2.18
N THR A 142 2.77 -16.43 1.76
CA THR A 142 3.92 -16.51 2.64
C THR A 142 4.01 -15.29 3.57
N GLY A 143 4.28 -15.53 4.85
CA GLY A 143 4.49 -14.42 5.79
C GLY A 143 5.87 -13.82 5.63
N ILE A 144 6.30 -13.01 6.60
CA ILE A 144 7.70 -12.63 6.70
C ILE A 144 8.27 -12.73 8.10
N PRO A 145 9.30 -13.52 8.19
CA PRO A 145 9.83 -13.89 9.46
C PRO A 145 10.15 -12.70 10.31
N ALA A 146 10.07 -12.89 11.62
CA ALA A 146 10.59 -11.91 12.55
C ALA A 146 9.85 -10.61 12.49
N HIS A 147 8.80 -10.51 11.67
CA HIS A 147 8.14 -9.23 11.54
C HIS A 147 7.39 -8.88 12.81
N PRO A 148 7.56 -7.65 13.31
CA PRO A 148 6.89 -7.21 14.53
C PRO A 148 5.40 -7.46 14.57
N LEU A 149 4.70 -7.11 13.50
CA LEU A 149 3.26 -7.33 13.39
C LEU A 149 2.92 -8.79 13.10
N ARG A 150 2.03 -9.33 13.92
CA ARG A 150 1.70 -10.74 13.81
C ARG A 150 1.15 -11.10 12.41
N LEU A 152 1.79 -10.08 9.41
CA LEU A 152 2.80 -10.32 8.38
C LEU A 152 3.69 -11.44 8.80
N ARG A 153 4.04 -11.46 10.09
CA ARG A 153 4.94 -12.51 10.63
C ARG A 153 4.39 -13.91 10.49
N GLU A 154 3.19 -14.14 11.03
CA GLU A 154 2.57 -15.46 11.07
C GLU A 154 1.56 -15.66 9.96
N GLY A 155 1.14 -14.59 9.30
CA GLY A 155 0.21 -14.74 8.19
C GLY A 155 -1.25 -14.81 8.61
N ASN A 156 -1.51 -14.42 9.86
CA ASN A 156 -2.87 -14.39 10.41
C ASN A 156 -2.93 -13.67 11.75
N GLN A 157 -4.14 -13.31 12.17
CA GLN A 157 -4.36 -12.64 13.43
C GLN A 157 -5.77 -12.99 13.95
N ALA A 158 -5.84 -13.42 15.21
CA ALA A 158 -7.11 -13.80 15.84
C ALA A 158 -7.67 -12.70 16.73
N PHE A 159 -8.99 -12.67 16.87
CA PHE A 159 -9.67 -11.73 17.75
C PHE A 159 -10.75 -12.51 18.46
N ILE A 160 -11.00 -12.20 19.73
CA ILE A 160 -12.18 -12.77 20.39
C ILE A 160 -13.37 -12.31 19.58
N GLN A 161 -14.30 -13.21 19.33
CA GLN A 161 -15.41 -12.88 18.48
C GLN A 161 -16.17 -11.71 19.05
N ASN A 162 -16.41 -11.70 20.35
CA ASN A 162 -17.25 -10.65 20.90
C ASN A 162 -16.61 -9.26 20.82
N VAL A 164 -15.60 -8.23 17.74
CA VAL A 164 -15.75 -7.95 16.32
C VAL A 164 -17.18 -8.15 15.84
N ILE A 165 -17.79 -9.27 16.23
CA ILE A 165 -19.17 -9.54 15.88
C ILE A 165 -20.04 -9.11 17.04
N PRO A 166 -21.10 -8.31 16.77
CA PRO A 166 -22.08 -7.94 17.79
C PRO A 166 -22.73 -9.12 18.46
N ARG A 167 -23.08 -8.91 19.73
CA ARG A 167 -23.41 -9.98 20.64
C ARG A 167 -24.76 -10.64 20.45
N ASN A 168 -25.63 -10.10 19.58
CA ASN A 168 -26.80 -10.86 19.13
C ASN A 168 -26.41 -12.07 18.25
N PHE A 169 -25.14 -12.16 17.87
CA PHE A 169 -24.57 -13.35 17.27
C PHE A 169 -23.60 -14.02 18.27
N ASN A 172 -24.71 -18.08 17.59
CA ASN A 172 -23.59 -19.00 17.49
C ASN A 172 -23.74 -19.96 16.31
N GLN A 173 -24.58 -19.59 15.36
CA GLN A 173 -24.82 -20.42 14.16
C GLN A 173 -24.58 -19.65 12.85
N PHE A 174 -23.65 -18.71 12.88
CA PHE A 174 -23.47 -17.70 11.83
C PHE A 174 -22.08 -17.79 11.21
N THR A 175 -22.00 -17.63 9.89
CA THR A 175 -20.70 -17.57 9.17
C THR A 175 -20.45 -16.19 8.58
N TYR A 176 -19.20 -15.89 8.37
CA TYR A 176 -18.78 -14.54 8.10
C TYR A 176 -17.98 -14.47 6.82
N ASN A 177 -18.00 -13.31 6.16
CA ASN A 177 -16.93 -13.00 5.23
C ASN A 177 -16.73 -11.55 4.90
N LEU A 178 -15.54 -11.26 4.44
CA LEU A 178 -15.13 -9.91 4.22
C LEU A 178 -15.70 -9.36 2.93
N THR A 179 -16.36 -8.21 3.03
CA THR A 179 -16.91 -7.53 1.87
C THR A 179 -15.98 -6.40 1.46
N ASN A 180 -15.40 -5.77 2.45
CA ASN A 180 -14.61 -4.60 2.24
C ASN A 180 -13.51 -4.47 3.31
N LEU A 181 -12.36 -3.99 2.92
CA LEU A 181 -11.26 -3.89 3.85
C LEU A 181 -10.48 -2.59 3.69
N VAL A 182 -10.24 -1.90 4.78
CA VAL A 182 -9.43 -0.69 4.76
C VAL A 182 -8.30 -0.81 5.81
N LEU A 183 -7.07 -0.53 5.39
CA LEU A 183 -5.93 -0.47 6.28
C LEU A 183 -5.67 0.95 6.73
N SER A 184 -5.91 1.20 8.03
CA SER A 184 -5.60 2.49 8.65
C SER A 184 -4.18 2.49 9.20
N VAL A 185 -3.41 3.51 8.86
CA VAL A 185 -2.07 3.68 9.42
C VAL A 185 -1.99 5.07 10.01
N GLN A 186 -1.85 5.16 11.32
CA GLN A 186 -1.84 6.43 11.97
C GLN A 186 -0.57 6.60 12.78
N LYS A 187 0.04 7.77 12.64
CA LYS A 187 1.20 8.14 13.40
C LYS A 187 0.73 8.46 14.84
N LEU A 188 1.36 7.82 15.83
CA LEU A 188 1.10 8.17 17.24
C LEU A 188 1.68 9.53 17.48
N PRO A 189 1.08 10.33 18.38
CA PRO A 189 1.65 11.65 18.68
C PRO A 189 3.02 11.53 19.31
N ASP A 190 3.75 12.64 19.34
CA ASP A 190 5.14 12.61 19.80
C ASP A 190 5.26 12.28 21.28
N ASP A 191 4.21 12.48 22.06
CA ASP A 191 4.26 12.15 23.50
C ASP A 191 4.11 10.65 23.83
N ALA A 192 4.18 9.78 22.82
CA ALA A 192 4.01 8.36 23.10
C ALA A 192 5.26 7.83 23.72
N TRP A 193 5.09 7.14 24.83
CA TRP A 193 6.15 6.43 25.45
C TRP A 193 6.15 5.02 24.91
N ARG A 194 7.32 4.45 24.78
CA ARG A 194 7.47 3.24 24.04
C ARG A 194 8.67 2.52 24.62
N PRO A 195 8.61 1.18 24.70
CA PRO A 195 9.77 0.50 25.30
C PRO A 195 11.05 0.70 24.51
N SER A 196 12.18 0.71 25.20
CA SER A 196 13.50 0.82 24.56
C SER A 196 13.80 -0.35 23.62
N LYS A 197 14.69 -0.11 22.69
CA LYS A 197 14.98 -1.04 21.60
C LYS A 197 15.33 -2.44 22.11
N ASP A 198 16.17 -2.50 23.14
CA ASP A 198 16.64 -3.77 23.67
C ASP A 198 15.55 -4.56 24.42
N LYS A 199 14.61 -3.85 25.06
CA LYS A 199 13.47 -4.50 25.67
C LYS A 199 12.58 -5.13 24.61
N LEU A 200 12.47 -4.43 23.46
CA LEU A 200 11.65 -4.88 22.35
C LEU A 200 12.25 -6.07 21.63
N ILE A 201 13.59 -6.17 21.62
CA ILE A 201 14.27 -7.31 21.00
C ILE A 201 14.68 -8.37 22.03
N GLY A 202 14.58 -8.04 23.32
CA GLY A 202 14.93 -8.97 24.41
C GLY A 202 13.88 -10.02 24.73
N ASN A 203 14.06 -10.72 25.84
CA ASN A 203 13.04 -11.71 26.28
C ASN A 203 12.78 -11.57 27.73
N THR A 204 12.90 -10.34 28.20
CA THR A 204 12.65 -10.01 29.57
C THR A 204 11.21 -9.62 29.67
N HIS A 206 8.19 -7.39 31.91
CA HIS A 206 8.18 -6.12 32.66
C HIS A 206 6.81 -5.79 33.16
N PRO A 207 6.75 -4.91 34.15
CA PRO A 207 5.46 -4.53 34.66
C PRO A 207 4.59 -4.02 33.55
N ALA A 208 3.38 -4.54 33.50
CA ALA A 208 2.40 -4.15 32.51
C ALA A 208 1.02 -4.12 33.12
N VAL A 209 0.12 -3.35 32.52
CA VAL A 209 -1.27 -3.25 32.97
C VAL A 209 -2.18 -3.93 31.99
N SER A 210 -2.92 -4.91 32.45
CA SER A 210 -3.96 -5.51 31.64
C SER A 210 -5.19 -4.65 31.82
N ILE A 211 -5.54 -3.86 30.81
CA ILE A 211 -6.68 -2.95 30.88
C ILE A 211 -8.03 -3.62 30.55
N HIS A 212 -7.98 -4.75 29.86
CA HIS A 212 -9.19 -5.52 29.58
C HIS A 212 -8.72 -6.91 29.28
N PRO A 213 -9.47 -7.92 29.74
CA PRO A 213 -8.93 -9.28 29.59
C PRO A 213 -8.70 -9.70 28.15
N ASN A 214 -9.41 -9.07 27.21
CA ASN A 214 -9.28 -9.42 25.81
C ASN A 214 -8.39 -8.49 24.97
N LEU A 215 -7.59 -7.65 25.63
CA LEU A 215 -6.55 -6.87 24.96
C LEU A 215 -5.20 -7.25 25.56
N PRO A 216 -4.13 -7.19 24.75
CA PRO A 216 -2.85 -7.52 25.38
C PRO A 216 -2.48 -6.48 26.43
N PRO A 217 -1.68 -6.88 27.43
CA PRO A 217 -1.30 -5.92 28.45
C PRO A 217 -0.33 -4.86 27.93
N ILE A 218 -0.41 -3.70 28.57
CA ILE A 218 0.30 -2.51 28.17
C ILE A 218 1.52 -2.42 29.05
N VAL A 219 2.68 -2.68 28.50
CA VAL A 219 3.91 -2.52 29.22
C VAL A 219 4.12 -1.03 29.56
N LEU A 220 4.60 -0.81 30.77
CA LEU A 220 4.73 0.52 31.32
C LEU A 220 6.17 0.94 31.42
N PRO A 221 6.38 2.26 31.46
CA PRO A 221 7.71 2.73 31.78
C PRO A 221 8.16 2.24 33.16
N THR A 222 9.45 2.33 33.39
CA THR A 222 10.01 1.90 34.63
C THR A 222 9.46 2.76 35.78
N VAL A 223 9.30 2.11 36.93
CA VAL A 223 8.79 2.73 38.12
C VAL A 223 9.97 3.29 38.89
N LYS A 224 9.87 4.56 39.23
CA LYS A 224 10.93 5.26 39.90
C LYS A 224 11.21 4.61 41.24
N LYS A 225 12.49 4.47 41.59
CA LYS A 225 12.89 3.92 42.90
C LYS A 225 12.13 4.67 44.00
N GLN A 226 12.13 5.99 43.91
CA GLN A 226 11.42 6.82 44.88
C GLN A 226 9.97 6.40 45.20
N ALA A 227 9.32 5.68 44.30
CA ALA A 227 7.91 5.33 44.48
C ALA A 227 7.65 4.10 45.31
N TYR A 228 8.65 3.27 45.52
CA TYR A 228 8.50 2.07 46.37
C TYR A 228 9.73 2.01 47.32
N ARG A 229 9.90 3.11 48.05
CA ARG A 229 11.01 3.33 49.03
C ARG A 229 11.04 2.20 50.03
N GLN A 230 9.88 1.95 50.62
CA GLN A 230 9.70 0.97 51.67
C GLN A 230 10.15 -0.44 51.23
N HIS A 231 9.72 -0.88 50.04
CA HIS A 231 9.80 -2.31 49.67
C HIS A 231 11.17 -2.86 49.38
N LYS A 232 11.57 -3.75 50.25
CA LYS A 232 12.87 -4.33 50.20
C LYS A 232 12.95 -5.25 48.98
N ASN A 233 11.83 -5.83 48.55
CA ASN A 233 11.85 -6.73 47.40
C ASN A 233 11.66 -6.03 46.03
N PRO A 234 12.74 -5.98 45.25
CA PRO A 234 12.66 -5.26 43.98
C PRO A 234 11.98 -5.99 42.83
N ASN A 235 11.70 -7.30 42.93
CA ASN A 235 10.84 -7.95 41.90
C ASN A 235 9.30 -7.76 42.16
N ASN A 236 8.97 -7.25 43.35
CA ASN A 236 7.63 -6.88 43.82
C ASN A 236 7.39 -5.40 43.74
N GLY A 237 8.38 -4.62 44.14
CA GLY A 237 8.19 -3.21 44.40
C GLY A 237 7.37 -2.50 43.35
N PRO A 238 7.87 -2.53 42.09
CA PRO A 238 7.23 -1.91 40.95
C PRO A 238 5.82 -2.38 40.85
N LEU A 239 5.62 -3.69 41.00
CA LEU A 239 4.26 -4.24 40.84
C LEU A 239 3.29 -3.71 41.88
N LEU A 240 3.75 -3.67 43.13
CA LEU A 240 2.89 -3.18 44.20
C LEU A 240 2.57 -1.73 44.03
N ALA A 241 3.52 -0.95 43.53
CA ALA A 241 3.36 0.48 43.39
C ALA A 241 2.26 0.74 42.38
N ILE A 242 2.33 0.01 41.27
CA ILE A 242 1.32 0.09 40.21
C ILE A 242 -0.09 -0.29 40.68
N SER A 243 -0.22 -1.43 41.36
CA SER A 243 -1.57 -1.83 41.79
C SER A 243 -2.16 -0.77 42.70
N GLY A 244 -1.29 -0.10 43.45
CA GLY A 244 -1.70 1.00 44.32
C GLY A 244 -2.45 2.15 43.67
N ILE A 245 -2.22 2.40 42.38
CA ILE A 245 -2.91 3.45 41.65
C ILE A 245 -3.59 2.92 40.41
N LEU A 246 -3.69 1.60 40.31
CA LEU A 246 -4.19 0.95 39.11
C LEU A 246 -5.58 1.39 38.73
N HIS A 247 -6.41 1.57 39.72
CA HIS A 247 -7.81 1.87 39.58
CA HIS A 247 -7.81 1.84 39.47
C HIS A 247 -8.09 3.34 39.40
N GLN A 248 -7.07 4.17 39.57
CA GLN A 248 -7.21 5.61 39.34
C GLN A 248 -6.80 6.01 37.92
N LEU A 249 -6.14 5.11 37.20
CA LEU A 249 -5.70 5.43 35.87
C LEU A 249 -6.92 5.70 35.03
N ARG A 250 -6.87 6.76 34.20
CA ARG A 250 -7.96 7.11 33.28
C ARG A 250 -7.60 6.86 31.82
N VAL A 251 -8.39 6.00 31.18
CA VAL A 251 -8.25 5.72 29.76
C VAL A 251 -9.05 6.74 28.96
N GLU A 252 -8.42 7.48 28.07
CA GLU A 252 -9.18 8.37 27.23
C GLU A 252 -9.01 8.03 25.75
N LYS A 253 -10.07 8.20 24.98
CA LYS A 253 -10.02 7.92 23.57
C LYS A 253 -9.26 9.02 22.86
N VAL A 254 -8.36 8.65 21.96
CA VAL A 254 -7.63 9.67 21.22
C VAL A 254 -8.53 10.20 20.09
N PRO A 255 -8.79 11.50 20.10
CA PRO A 255 -9.67 12.12 19.14
C PRO A 255 -9.01 12.38 17.78
N GLU A 256 -9.82 12.30 16.73
CA GLU A 256 -9.32 12.35 15.34
C GLU A 256 -8.29 11.27 15.08
N LYS A 257 -8.53 10.13 15.67
CA LYS A 257 -7.77 8.94 15.40
C LYS A 257 -8.77 7.82 15.61
N THR A 258 -8.67 6.74 14.83
CA THR A 258 -9.50 5.57 15.03
C THR A 258 -8.83 4.52 15.88
N SER A 259 -9.64 3.80 16.64
CA SER A 259 -9.20 2.61 17.35
C SER A 259 -7.97 2.84 18.28
N LEU A 260 -7.91 4.00 18.92
CA LEU A 260 -6.70 4.38 19.63
C LEU A 260 -6.99 5.08 20.95
N PHE A 261 -6.40 4.54 22.00
CA PHE A 261 -6.59 5.02 23.36
C PHE A 261 -5.27 5.28 24.01
N ARG A 262 -5.31 6.15 25.02
CA ARG A 262 -4.11 6.50 25.76
C ARG A 262 -4.33 6.61 27.27
N ILE A 263 -3.26 6.46 28.04
CA ILE A 263 -3.30 6.64 29.50
C ILE A 263 -2.17 7.54 29.94
N SER A 264 -2.51 8.67 30.52
CA SER A 264 -1.50 9.50 31.10
C SER A 264 -1.18 8.94 32.52
N LEU A 265 0.12 8.87 32.81
CA LEU A 265 0.63 8.22 34.00
C LEU A 265 1.22 9.28 34.92
N PRO A 266 1.08 9.08 36.24
CA PRO A 266 1.68 10.03 37.18
C PRO A 266 3.23 10.13 37.05
N ALA A 267 3.75 11.34 36.97
CA ALA A 267 5.17 11.56 36.76
C ALA A 267 5.95 11.22 38.01
N ASP A 268 5.33 11.44 39.17
CA ASP A 268 5.99 11.13 40.41
C ASP A 268 6.33 9.64 40.54
N PHE A 270 6.50 7.27 37.39
CA PHE A 270 7.03 6.69 36.16
C PHE A 270 8.02 7.61 35.46
N SER A 271 9.15 7.02 35.09
CA SER A 271 10.24 7.71 34.43
C SER A 271 10.22 7.39 32.95
N VAL A 272 10.44 8.42 32.17
CA VAL A 272 10.46 8.35 30.73
C VAL A 272 11.91 8.27 30.22
N LYS A 273 12.89 8.34 31.13
CA LYS A 273 14.32 8.15 30.82
C LYS A 273 14.56 7.02 29.80
N GLU A 274 13.93 5.86 30.03
CA GLU A 274 14.05 4.67 29.14
C GLU A 274 12.94 4.47 28.06
N GLY A 275 12.95 5.28 27.00
CA GLY A 275 11.99 5.18 25.88
C GLY A 275 12.49 5.80 24.57
N GLU A 282 11.85 15.17 28.34
CA GLU A 282 11.37 16.40 28.97
C GLU A 282 9.85 16.52 28.88
N ASN A 283 9.16 15.40 29.10
CA ASN A 283 7.68 15.39 29.04
C ASN A 283 6.96 14.20 29.76
N SER A 284 5.64 14.33 29.90
CA SER A 284 4.83 13.46 30.69
C SER A 284 4.80 12.02 30.15
N PRO A 285 4.77 11.04 31.05
CA PRO A 285 4.70 9.69 30.55
C PRO A 285 3.28 9.33 30.12
N VAL A 286 3.13 8.83 28.90
CA VAL A 286 1.83 8.46 28.37
C VAL A 286 1.95 7.21 27.49
N VAL A 287 1.05 6.23 27.67
CA VAL A 287 1.02 5.06 26.80
C VAL A 287 -0.19 4.99 25.92
N TYR A 288 0.04 4.69 24.67
CA TYR A 288 -1.02 4.54 23.72
C TYR A 288 -1.26 3.08 23.53
N PHE A 289 -2.49 2.72 23.24
CA PHE A 289 -2.78 1.34 22.93
C PHE A 289 -3.98 1.31 21.98
N GLN A 290 -4.18 0.16 21.38
CA GLN A 290 -5.21 0.02 20.38
C GLN A 290 -6.36 -0.79 20.91
N ALA A 291 -7.57 -0.30 20.62
CA ALA A 291 -8.79 -1.05 20.85
C ALA A 291 -9.75 -0.69 19.73
N PRO A 292 -10.77 -1.54 19.50
CA PRO A 292 -11.74 -1.24 18.46
C PRO A 292 -12.38 0.11 18.63
N GLU A 293 -12.58 0.80 17.53
CA GLU A 293 -13.15 2.13 17.50
C GLU A 293 -14.47 2.18 18.28
N ASN A 294 -15.32 1.18 18.08
CA ASN A 294 -16.60 1.10 18.82
C ASN A 294 -16.48 0.52 20.22
N PHE A 295 -15.29 0.34 20.76
CA PHE A 295 -15.18 -0.20 22.11
C PHE A 295 -15.61 0.88 23.11
N PRO A 296 -16.45 0.52 24.13
CA PRO A 296 -17.06 1.46 25.07
C PRO A 296 -16.13 1.92 26.16
N LEU A 297 -16.30 3.16 26.59
CA LEU A 297 -15.31 3.74 27.52
C LEU A 297 -15.45 3.13 28.89
N ASN A 298 -16.68 2.78 29.24
CA ASN A 298 -16.91 2.13 30.51
C ASN A 298 -16.35 0.70 30.58
N GLY A 299 -15.76 0.18 29.49
CA GLY A 299 -15.26 -1.20 29.43
C GLY A 299 -13.79 -1.44 29.78
N PHE A 300 -13.15 -0.47 30.41
CA PHE A 300 -11.75 -0.56 30.78
C PHE A 300 -11.59 -0.61 32.33
N ASN A 301 -12.50 -1.26 33.02
CA ASN A 301 -12.49 -1.21 34.48
C ASN A 301 -11.95 -2.45 35.15
N ASN A 302 -11.98 -3.57 34.41
CA ASN A 302 -11.45 -4.84 34.86
C ASN A 302 -9.96 -4.91 34.58
N ARG A 303 -9.21 -4.28 35.47
CA ARG A 303 -7.79 -4.09 35.31
C ARG A 303 -7.04 -5.05 36.21
N GLN A 304 -5.81 -5.36 35.82
CA GLN A 304 -4.92 -6.19 36.61
C GLN A 304 -3.47 -5.84 36.27
N VAL A 305 -2.56 -6.02 37.23
CA VAL A 305 -1.12 -5.84 36.99
C VAL A 305 -0.40 -7.15 36.74
N VAL A 306 0.37 -7.20 35.65
CA VAL A 306 1.08 -8.41 35.27
C VAL A 306 2.50 -8.06 34.80
N LEU A 307 3.26 -9.11 34.55
CA LEU A 307 4.55 -9.00 33.90
C LEU A 307 4.35 -9.50 32.48
N ALA A 308 4.71 -8.69 31.50
CA ALA A 308 4.57 -9.09 30.10
C ALA A 308 5.87 -8.86 29.36
N TYR A 309 6.03 -9.61 28.26
CA TYR A 309 7.11 -9.35 27.33
C TYR A 309 6.85 -8.05 26.61
N ALA A 310 7.90 -7.29 26.37
CA ALA A 310 7.83 -6.13 25.49
C ALA A 310 8.02 -6.57 24.05
N ASN A 311 8.84 -7.59 23.86
CA ASN A 311 9.15 -8.10 22.55
C ASN A 311 7.89 -8.65 21.91
N PRO A 312 7.41 -7.99 20.82
CA PRO A 312 6.13 -8.30 20.19
C PRO A 312 6.09 -9.67 19.51
N THR A 313 7.25 -10.24 19.23
CA THR A 313 7.35 -11.58 18.68
C THR A 313 6.96 -12.63 19.78
N LEU A 314 6.85 -12.22 21.05
CA LEU A 314 6.48 -13.13 22.14
C LEU A 314 5.18 -12.66 22.82
N SER A 315 4.13 -12.44 22.04
CA SER A 315 2.81 -12.18 22.65
C SER A 315 1.62 -12.28 21.68
N ALA A 316 1.07 -13.49 21.52
CA ALA A 316 -0.32 -13.71 21.00
C ALA A 316 -0.73 -15.22 20.98
N VAL A 317 -2.00 -15.47 20.68
CA VAL A 317 -2.52 -16.83 20.63
C VAL A 317 -3.83 -16.89 19.84
N GLN B 50 -13.41 16.33 -5.06
CA GLN B 50 -13.63 15.92 -3.67
C GLN B 50 -12.32 15.84 -2.91
N GLN B 51 -12.21 14.85 -2.02
CA GLN B 51 -10.99 14.66 -1.22
C GLN B 51 -9.98 13.72 -1.87
N GLY B 52 -10.47 12.77 -2.67
CA GLY B 52 -9.59 11.76 -3.30
C GLY B 52 -9.99 10.33 -2.99
N ILE B 53 -9.43 9.38 -3.71
CA ILE B 53 -9.60 7.96 -3.33
C ILE B 53 -8.33 7.11 -3.55
N THR B 54 -8.15 6.08 -2.72
CA THR B 54 -6.96 5.28 -2.82
C THR B 54 -7.22 3.94 -3.47
N PRO B 55 -6.20 3.36 -4.07
CA PRO B 55 -6.51 2.17 -4.85
C PRO B 55 -6.37 0.91 -4.06
N ASN B 56 -6.86 -0.17 -4.66
CA ASN B 56 -6.69 -1.54 -4.23
C ASN B 56 -5.69 -2.18 -5.14
N TYR B 57 -5.11 -3.28 -4.73
CA TYR B 57 -4.05 -3.85 -5.50
C TYR B 57 -4.53 -5.12 -6.17
N VAL B 58 -3.96 -5.37 -7.32
CA VAL B 58 -4.12 -6.62 -7.98
C VAL B 58 -2.85 -6.82 -8.83
N GLY B 59 -2.32 -8.04 -8.88
CA GLY B 59 -1.07 -8.30 -9.61
C GLY B 59 -0.35 -9.59 -9.25
N ASP B 60 0.81 -9.79 -9.84
CA ASP B 60 1.65 -10.94 -9.51
C ASP B 60 3.00 -10.53 -8.91
N LEU B 61 3.05 -9.33 -8.31
CA LEU B 61 4.31 -8.83 -7.79
C LEU B 61 4.71 -9.57 -6.54
N ASN B 62 6.02 -9.81 -6.43
CA ASN B 62 6.58 -10.49 -5.29
C ASN B 62 7.61 -9.59 -4.62
N LEU B 63 7.29 -9.12 -3.43
CA LEU B 63 8.16 -8.22 -2.70
C LEU B 63 9.45 -8.87 -2.27
N ASP B 64 9.44 -10.18 -2.07
CA ASP B 64 10.66 -10.91 -1.73
C ASP B 64 11.73 -10.77 -2.82
N ASP B 65 11.33 -10.40 -4.03
CA ASP B 65 12.29 -10.11 -5.08
C ASP B 65 12.63 -8.64 -5.19
N GLN B 66 12.24 -7.80 -4.23
CA GLN B 66 12.56 -6.37 -4.31
C GLN B 66 14.06 -6.06 -4.54
N PHE B 67 14.94 -6.97 -4.10
CA PHE B 67 16.37 -6.77 -4.27
C PHE B 67 16.96 -7.41 -5.51
N LYS B 68 16.13 -8.00 -6.36
CA LYS B 68 16.57 -8.48 -7.66
C LYS B 68 16.29 -7.37 -8.62
N GLY B 69 17.36 -6.66 -8.99
CA GLY B 69 17.26 -5.43 -9.74
C GLY B 69 16.76 -5.60 -11.15
N ASN B 70 16.84 -6.84 -11.64
CA ASN B 70 16.47 -7.17 -13.01
C ASN B 70 15.06 -7.76 -13.12
N VAL B 71 14.18 -7.38 -12.22
CA VAL B 71 12.78 -7.73 -12.33
C VAL B 71 12.03 -6.47 -12.74
N CYS B 72 11.18 -6.56 -13.76
CA CYS B 72 10.44 -5.39 -14.23
C CYS B 72 8.99 -5.53 -13.94
N HIS B 73 8.36 -4.43 -13.58
CA HIS B 73 6.94 -4.43 -13.43
C HIS B 73 6.35 -3.39 -14.34
N ALA B 74 5.22 -3.76 -14.94
CA ALA B 74 4.33 -2.80 -15.59
C ALA B 74 3.34 -2.38 -14.53
N PHE B 75 3.18 -1.07 -14.38
CA PHE B 75 2.27 -0.44 -13.44
C PHE B 75 1.10 0.25 -14.18
N THR B 76 -0.13 -0.08 -13.79
CA THR B 76 -1.32 0.46 -14.43
C THR B 76 -2.43 0.75 -13.42
N LEU B 77 -3.00 1.93 -13.49
CA LEU B 77 -4.23 2.19 -12.77
C LEU B 77 -5.45 1.78 -13.59
N GLU B 78 -6.34 1.05 -12.95
CA GLU B 78 -7.58 0.64 -13.53
C GLU B 78 -8.68 1.40 -12.79
N ALA B 79 -9.51 2.14 -13.52
CA ALA B 79 -10.47 3.05 -12.89
C ALA B 79 -11.90 2.80 -13.32
N ILE B 80 -12.82 3.08 -12.41
CA ILE B 80 -14.22 3.26 -12.74
C ILE B 80 -14.48 4.74 -12.59
N ILE B 81 -15.16 5.28 -13.59
CA ILE B 81 -15.37 6.69 -13.69
C ILE B 81 -16.82 6.93 -13.87
N ASP B 82 -17.38 7.76 -13.01
CA ASP B 82 -18.76 8.11 -13.10
C ASP B 82 -18.77 9.40 -13.91
N ILE B 83 -19.53 9.37 -14.99
CA ILE B 83 -19.69 10.51 -15.85
C ILE B 83 -21.14 10.99 -15.67
N SER B 84 -21.32 12.31 -15.70
CA SER B 84 -22.63 12.90 -15.43
C SER B 84 -22.75 14.19 -16.22
N ALA B 85 -23.90 14.41 -16.85
CA ALA B 85 -24.20 15.73 -17.37
C ALA B 85 -24.50 16.60 -16.16
N TYR B 86 -23.86 17.77 -16.12
CA TYR B 86 -24.09 18.73 -15.03
C TYR B 86 -25.57 19.14 -14.87
N ASN B 87 -26.36 18.96 -15.93
CA ASN B 87 -27.80 19.26 -15.93
C ASN B 87 -28.64 18.07 -15.51
N GLU B 88 -28.19 16.88 -15.90
CA GLU B 88 -28.89 15.64 -15.59
C GLU B 88 -28.49 15.07 -14.25
N ARG B 89 -29.46 14.45 -13.60
CA ARG B 89 -29.26 13.64 -12.40
C ARG B 89 -28.52 12.32 -12.72
N THR B 90 -28.77 11.81 -13.93
CA THR B 90 -28.34 10.46 -14.32
C THR B 90 -26.82 10.33 -14.23
N VAL B 91 -26.36 9.10 -14.02
CA VAL B 91 -24.97 8.78 -14.06
C VAL B 91 -24.79 7.46 -14.80
N LYS B 92 -23.70 7.39 -15.57
CA LYS B 92 -23.22 6.15 -16.13
C LYS B 92 -21.80 5.96 -15.67
N GLY B 93 -21.37 4.71 -15.57
CA GLY B 93 -20.01 4.39 -15.17
C GLY B 93 -19.22 3.59 -16.19
N VAL B 94 -17.93 3.82 -16.19
CA VAL B 94 -17.09 3.54 -17.33
C VAL B 94 -15.74 3.17 -16.84
N PRO B 95 -15.26 1.99 -17.23
CA PRO B 95 -13.95 1.53 -16.83
C PRO B 95 -12.91 2.16 -17.71
N ALA B 96 -11.71 2.36 -17.20
CA ALA B 96 -10.62 2.91 -17.97
C ALA B 96 -9.29 2.40 -17.46
N TRP B 97 -8.35 2.26 -18.37
CA TRP B 97 -7.05 1.66 -18.09
C TRP B 97 -5.96 2.70 -18.31
N LEU B 98 -5.19 2.96 -17.28
CA LEU B 98 -4.27 4.09 -17.23
C LEU B 98 -2.85 3.61 -16.94
N PRO B 99 -2.06 3.39 -17.98
CA PRO B 99 -0.67 3.03 -17.77
C PRO B 99 0.09 4.12 -17.06
N LEU B 100 0.97 3.77 -16.13
CA LEU B 100 1.80 4.75 -15.44
C LEU B 100 3.26 4.56 -15.75
N GLY B 101 3.62 3.41 -16.33
CA GLY B 101 5.00 3.13 -16.62
C GLY B 101 5.47 1.71 -16.35
N ILE B 102 6.63 1.41 -16.92
CA ILE B 102 7.34 0.18 -16.68
C ILE B 102 8.67 0.48 -15.99
N SER B 104 12.16 -1.24 -13.69
CA SER B 104 12.88 -2.37 -13.15
C SER B 104 13.29 -2.04 -11.72
N ASN B 105 13.44 -3.07 -10.91
CA ASN B 105 13.72 -2.88 -9.51
C ASN B 105 14.93 -2.02 -9.23
N PHE B 106 15.96 -2.06 -10.07
CA PHE B 106 17.14 -1.27 -9.78
C PHE B 106 16.92 0.22 -9.94
N GLU B 107 15.88 0.63 -10.64
CA GLU B 107 15.68 2.06 -10.88
C GLU B 107 15.24 2.82 -9.63
N TYR B 108 14.56 2.14 -8.72
CA TYR B 108 14.10 2.75 -7.48
C TYR B 108 13.61 1.68 -6.52
N PRO B 109 13.86 1.83 -5.19
CA PRO B 109 13.35 0.80 -4.29
C PRO B 109 11.87 0.48 -4.55
N LEU B 110 11.61 -0.81 -4.78
CA LEU B 110 10.27 -1.28 -5.11
C LEU B 110 9.25 -1.01 -4.03
N ALA B 111 9.60 -1.31 -2.78
CA ALA B 111 8.64 -1.18 -1.68
C ALA B 111 8.17 0.25 -1.51
N HIS B 112 9.10 1.20 -1.52
CA HIS B 112 8.72 2.61 -1.51
C HIS B 112 7.77 2.86 -2.69
N THR B 113 8.15 2.42 -3.88
CA THR B 113 7.36 2.70 -5.07
C THR B 113 5.93 2.21 -4.89
N VAL B 114 5.79 0.97 -4.45
CA VAL B 114 4.47 0.37 -4.29
C VAL B 114 3.71 1.00 -3.12
N ALA B 115 4.40 1.27 -2.02
CA ALA B 115 3.76 1.87 -0.86
C ALA B 115 3.28 3.26 -1.22
N ALA B 116 4.11 3.98 -1.97
CA ALA B 116 3.79 5.33 -2.39
C ALA B 116 2.56 5.34 -3.32
N LEU B 117 2.43 4.35 -4.17
CA LEU B 117 1.36 4.31 -5.11
C LEU B 117 0.07 3.97 -4.39
N LEU B 118 0.09 2.93 -3.55
CA LEU B 118 -1.10 2.49 -2.87
C LEU B 118 -1.51 3.40 -1.71
N THR B 119 -0.64 4.27 -1.24
CA THR B 119 -1.06 5.21 -0.20
C THR B 119 -1.65 6.48 -0.77
N GLY B 120 -1.50 6.69 -2.07
CA GLY B 120 -1.94 7.93 -2.66
C GLY B 120 -3.44 8.03 -2.80
N SER B 121 -3.95 9.24 -2.59
CA SER B 121 -5.32 9.60 -2.91
C SER B 121 -5.35 10.25 -4.30
N TYR B 122 -6.19 9.73 -5.20
CA TYR B 122 -6.27 10.23 -6.56
C TYR B 122 -7.58 10.92 -6.97
N THR B 123 -7.43 11.87 -7.86
CA THR B 123 -8.54 12.63 -8.43
C THR B 123 -8.38 12.69 -9.93
N ILE B 124 -9.49 12.95 -10.61
CA ILE B 124 -9.47 13.14 -12.07
C ILE B 124 -9.96 14.53 -12.43
N THR B 125 -9.25 15.16 -13.36
CA THR B 125 -9.60 16.48 -13.84
C THR B 125 -9.47 16.50 -15.34
N GLN B 126 -9.93 17.58 -15.95
CA GLN B 126 -9.89 17.75 -17.40
C GLN B 126 -9.17 19.03 -17.72
N PHE B 127 -8.49 19.04 -18.84
CA PHE B 127 -7.98 20.29 -19.35
C PHE B 127 -7.79 20.21 -20.85
N THR B 128 -7.78 21.37 -21.49
CA THR B 128 -7.45 21.44 -22.90
C THR B 128 -6.06 22.00 -23.07
N HIS B 129 -5.33 21.47 -24.05
CA HIS B 129 -4.03 22.04 -24.41
C HIS B 129 -3.81 22.01 -25.91
N ASN B 130 -3.63 23.19 -26.50
CA ASN B 130 -3.58 23.35 -27.95
C ASN B 130 -4.80 22.70 -28.59
N GLY B 131 -5.97 23.04 -28.04
CA GLY B 131 -7.27 22.62 -28.57
C GLY B 131 -7.72 21.18 -28.33
N GLN B 132 -6.82 20.25 -27.99
CA GLN B 132 -7.19 18.84 -27.93
C GLN B 132 -7.33 18.52 -26.45
N LYS B 133 -8.25 17.60 -26.16
CA LYS B 133 -8.74 17.36 -24.80
C LYS B 133 -8.00 16.26 -24.03
N PHE B 134 -7.61 16.61 -22.81
CA PHE B 134 -6.85 15.73 -21.94
C PHE B 134 -7.57 15.43 -20.65
N VAL B 135 -7.07 14.42 -19.96
CA VAL B 135 -7.59 14.01 -18.69
C VAL B 135 -6.41 13.76 -17.75
N ARG B 136 -6.40 14.46 -16.61
CA ARG B 136 -5.29 14.33 -15.67
C ARG B 136 -5.72 13.62 -14.41
N VAL B 137 -5.10 12.49 -14.13
CA VAL B 137 -5.29 11.88 -12.83
C VAL B 137 -4.18 12.36 -11.90
N ASN B 138 -4.60 12.88 -10.76
CA ASN B 138 -3.72 13.52 -9.79
C ASN B 138 -3.54 12.69 -8.54
N ARG B 139 -2.32 12.60 -8.06
CA ARG B 139 -2.03 11.94 -6.79
C ARG B 139 -1.73 13.02 -5.79
N LEU B 140 -2.53 13.11 -4.75
CA LEU B 140 -2.45 14.25 -3.85
C LEU B 140 -1.17 14.24 -2.99
N GLY B 141 -0.69 15.43 -2.68
CA GLY B 141 0.46 15.60 -1.82
C GLY B 141 1.78 15.65 -2.55
N THR B 142 2.84 15.58 -1.77
CA THR B 142 4.20 15.83 -2.22
C THR B 142 4.67 14.74 -3.20
N GLY B 143 5.59 15.08 -4.09
CA GLY B 143 6.18 14.10 -5.05
C GLY B 143 7.38 13.30 -4.54
N ILE B 144 7.90 12.40 -5.37
CA ILE B 144 9.17 11.74 -5.08
C ILE B 144 10.10 12.18 -6.18
N PRO B 145 11.04 13.09 -5.88
CA PRO B 145 11.97 13.59 -6.87
C PRO B 145 12.78 12.50 -7.58
N ALA B 146 12.97 12.65 -8.88
CA ALA B 146 13.75 11.70 -9.68
C ALA B 146 13.05 10.36 -9.92
N HIS B 147 11.82 10.19 -9.46
CA HIS B 147 11.23 8.90 -9.55
C HIS B 147 10.94 8.56 -11.01
N PRO B 148 11.32 7.36 -11.44
CA PRO B 148 11.08 6.90 -12.81
C PRO B 148 9.64 7.09 -13.31
N LEU B 149 8.65 6.68 -12.51
CA LEU B 149 7.23 6.86 -12.86
C LEU B 149 6.76 8.31 -12.67
N ARG B 150 6.15 8.86 -13.71
CA ARG B 150 5.72 10.25 -13.67
C ARG B 150 4.77 10.54 -12.50
N LEU B 152 4.46 9.47 -9.49
CA LEU B 152 5.10 9.72 -8.21
C LEU B 152 6.03 10.91 -8.30
N ARG B 153 6.76 10.98 -9.41
CA ARG B 153 7.72 12.05 -9.62
C ARG B 153 7.09 13.43 -9.64
N GLU B 154 6.10 13.62 -10.50
CA GLU B 154 5.44 14.91 -10.70
C GLU B 154 4.11 15.04 -9.97
N GLY B 155 3.57 13.94 -9.47
CA GLY B 155 2.34 14.02 -8.70
C GLY B 155 1.09 14.01 -9.56
N ASN B 156 1.24 13.64 -10.83
CA ASN B 156 0.12 13.60 -11.80
C ASN B 156 0.52 12.93 -13.12
N GLN B 157 -0.48 12.56 -13.90
CA GLN B 157 -0.25 11.93 -15.19
C GLN B 157 -1.42 12.27 -16.13
N ALA B 158 -1.12 12.76 -17.34
CA ALA B 158 -2.13 13.14 -18.31
C ALA B 158 -2.31 12.06 -19.38
N PHE B 159 -3.53 11.99 -19.92
CA PHE B 159 -3.85 11.04 -20.99
C PHE B 159 -4.72 11.80 -21.96
N ILE B 160 -4.56 11.55 -23.26
CA ILE B 160 -5.51 12.09 -24.24
C ILE B 160 -6.90 11.58 -23.84
N GLN B 161 -7.90 12.44 -23.88
CA GLN B 161 -9.25 12.05 -23.47
C GLN B 161 -9.77 10.88 -24.27
N ASN B 162 -9.56 10.89 -25.58
CA ASN B 162 -10.09 9.81 -26.40
C ASN B 162 -9.44 8.47 -26.14
N VAL B 164 -9.42 7.46 -22.82
CA VAL B 164 -9.96 7.20 -21.50
C VAL B 164 -11.49 7.21 -21.59
N ILE B 165 -12.04 8.30 -22.14
CA ILE B 165 -13.47 8.54 -22.25
C ILE B 165 -13.96 8.21 -23.67
N PRO B 166 -15.02 7.40 -23.78
CA PRO B 166 -15.64 7.10 -25.06
C PRO B 166 -16.21 8.35 -25.77
N ARG B 167 -16.26 8.31 -27.09
CA ARG B 167 -16.69 9.46 -27.92
C ARG B 167 -17.90 10.18 -27.33
N ASN B 168 -18.91 9.38 -27.04
CA ASN B 168 -20.19 9.94 -26.66
C ASN B 168 -20.16 10.75 -25.37
N PHE B 169 -19.17 10.48 -24.52
CA PHE B 169 -19.05 11.19 -23.25
C PHE B 169 -17.97 12.26 -23.34
N SER B 170 -17.43 12.47 -24.54
CA SER B 170 -16.31 13.41 -24.74
C SER B 170 -16.71 14.88 -24.57
N THR B 171 -17.99 15.21 -24.77
CA THR B 171 -18.39 16.63 -24.82
C THR B 171 -18.32 17.32 -23.44
N ASN B 172 -18.74 18.58 -23.43
CA ASN B 172 -18.45 19.51 -22.34
C ASN B 172 -19.52 19.52 -21.26
N GLN B 173 -20.66 18.93 -21.56
CA GLN B 173 -21.69 18.92 -20.53
C GLN B 173 -21.32 17.90 -19.48
N PHE B 174 -20.23 17.15 -19.70
CA PHE B 174 -19.94 16.00 -18.86
C PHE B 174 -18.80 16.27 -17.87
N THR B 175 -19.01 15.87 -16.62
CA THR B 175 -17.98 15.89 -15.61
C THR B 175 -17.60 14.46 -15.21
N TYR B 176 -16.35 14.28 -14.79
CA TYR B 176 -15.82 12.97 -14.50
C TYR B 176 -15.48 12.89 -13.02
N ASN B 177 -15.73 11.74 -12.40
CA ASN B 177 -15.32 11.41 -11.01
C ASN B 177 -14.75 10.02 -10.88
N LEU B 178 -13.69 9.82 -10.12
CA LEU B 178 -13.23 8.47 -9.85
C LEU B 178 -14.11 7.81 -8.80
N THR B 179 -14.67 6.67 -9.13
CA THR B 179 -15.55 5.93 -8.24
C THR B 179 -14.79 4.79 -7.63
N ASN B 180 -13.89 4.22 -8.41
CA ASN B 180 -13.16 3.04 -8.00
C ASN B 180 -11.77 3.01 -8.62
N LEU B 181 -10.78 2.59 -7.86
CA LEU B 181 -9.41 2.59 -8.36
C LEU B 181 -8.64 1.33 -7.98
N VAL B 182 -8.01 0.71 -8.95
CA VAL B 182 -7.21 -0.46 -8.69
C VAL B 182 -5.83 -0.25 -9.31
N LEU B 183 -4.79 -0.52 -8.54
CA LEU B 183 -3.43 -0.53 -9.04
C LEU B 183 -3.00 -1.93 -9.42
N SER B 184 -2.80 -2.15 -10.72
CA SER B 184 -2.25 -3.40 -11.24
C SER B 184 -0.73 -3.32 -11.30
N VAL B 185 -0.06 -4.32 -10.77
CA VAL B 185 1.37 -4.42 -10.90
C VAL B 185 1.69 -5.79 -11.46
N GLN B 186 2.26 -5.83 -12.66
CA GLN B 186 2.54 -7.09 -13.31
C GLN B 186 3.99 -7.21 -13.66
N LYS B 187 4.58 -8.36 -13.35
CA LYS B 187 5.95 -8.62 -13.72
C LYS B 187 5.99 -8.95 -15.21
N LEU B 188 6.86 -8.26 -15.95
CA LEU B 188 7.09 -8.60 -17.35
C LEU B 188 7.79 -9.94 -17.38
N PRO B 189 7.57 -10.75 -18.41
CA PRO B 189 8.29 -12.04 -18.55
C PRO B 189 9.81 -11.90 -18.71
N ASP B 190 10.54 -13.03 -18.57
CA ASP B 190 12.04 -13.09 -18.69
C ASP B 190 12.59 -12.48 -19.96
N ASP B 191 11.85 -12.65 -21.05
CA ASP B 191 12.36 -12.25 -22.34
C ASP B 191 12.24 -10.75 -22.63
N ALA B 192 11.91 -9.94 -21.65
CA ALA B 192 11.78 -8.53 -21.93
C ALA B 192 13.15 -7.91 -22.16
N TRP B 193 13.29 -7.19 -23.27
CA TRP B 193 14.48 -6.40 -23.54
C TRP B 193 14.21 -5.03 -22.96
N ARG B 194 15.26 -4.42 -22.46
CA ARG B 194 15.09 -3.21 -21.71
C ARG B 194 16.36 -2.39 -21.88
N PRO B 195 16.24 -1.06 -21.97
CA PRO B 195 17.48 -0.31 -22.20
C PRO B 195 18.50 -0.50 -21.09
N SER B 196 19.78 -0.41 -21.44
CA SER B 196 20.87 -0.53 -20.47
C SER B 196 20.84 0.60 -19.46
N LYS B 197 21.45 0.34 -18.31
CA LYS B 197 21.33 1.23 -17.15
C LYS B 197 21.74 2.66 -17.49
N ASP B 198 22.83 2.79 -18.24
CA ASP B 198 23.37 4.11 -18.56
C ASP B 198 22.50 4.89 -19.57
N LYS B 199 21.84 4.18 -20.49
CA LYS B 199 20.88 4.84 -21.39
C LYS B 199 19.69 5.36 -20.57
N LEU B 200 19.31 4.60 -19.52
CA LEU B 200 18.19 4.96 -18.64
C LEU B 200 18.50 6.14 -17.74
N ILE B 201 19.78 6.31 -17.39
CA ILE B 201 20.22 7.44 -16.59
C ILE B 201 20.77 8.58 -17.46
N GLY B 202 21.04 8.30 -18.73
CA GLY B 202 21.66 9.28 -19.62
C GLY B 202 20.75 10.39 -20.14
N ASN B 203 21.33 11.15 -21.07
CA ASN B 203 20.74 12.37 -21.60
C ASN B 203 20.44 12.24 -23.11
N THR B 204 20.65 11.04 -23.65
CA THR B 204 20.68 10.80 -25.07
C THR B 204 19.33 10.29 -25.57
N HIS B 206 17.26 7.93 -28.62
CA HIS B 206 17.57 6.76 -29.41
C HIS B 206 16.44 6.40 -30.34
N PRO B 207 16.76 5.64 -31.40
CA PRO B 207 15.70 5.12 -32.25
C PRO B 207 14.60 4.44 -31.45
N ALA B 208 13.36 4.84 -31.74
CA ALA B 208 12.20 4.32 -31.10
C ALA B 208 11.09 4.22 -32.13
N VAL B 209 10.13 3.36 -31.86
CA VAL B 209 8.93 3.25 -32.72
C VAL B 209 7.73 3.82 -32.01
N SER B 210 7.05 4.75 -32.68
CA SER B 210 5.76 5.26 -32.23
C SER B 210 4.70 4.37 -32.87
N ILE B 211 4.15 3.50 -32.05
CA ILE B 211 3.21 2.50 -32.55
C ILE B 211 1.79 3.07 -32.73
N HIS B 212 1.56 4.20 -32.08
CA HIS B 212 0.30 4.90 -32.17
C HIS B 212 0.57 6.31 -31.71
N PRO B 213 -0.05 7.30 -32.34
CA PRO B 213 0.37 8.67 -32.04
C PRO B 213 0.18 9.08 -30.60
N ASN B 214 -0.73 8.43 -29.87
CA ASN B 214 -1.02 8.77 -28.47
C ASN B 214 -0.52 7.77 -27.43
N LEU B 215 0.45 6.95 -27.81
CA LEU B 215 1.19 6.16 -26.85
C LEU B 215 2.63 6.62 -26.87
N PRO B 216 3.33 6.52 -25.73
CA PRO B 216 4.73 6.96 -25.81
C PRO B 216 5.51 5.99 -26.69
N PRO B 217 6.60 6.49 -27.28
CA PRO B 217 7.31 5.60 -28.18
C PRO B 217 8.12 4.54 -27.45
N ILE B 218 8.36 3.45 -28.17
CA ILE B 218 9.04 2.30 -27.68
C ILE B 218 10.49 2.37 -28.14
N VAL B 219 11.41 2.65 -27.22
CA VAL B 219 12.84 2.60 -27.53
C VAL B 219 13.27 1.19 -27.86
N LEU B 220 14.10 1.08 -28.89
CA LEU B 220 14.53 -0.18 -29.44
C LEU B 220 16.02 -0.47 -29.17
N PRO B 221 16.36 -1.76 -29.20
CA PRO B 221 17.74 -2.11 -29.08
C PRO B 221 18.53 -1.50 -30.20
N THR B 222 19.84 -1.49 -30.03
CA THR B 222 20.73 -0.97 -31.04
C THR B 222 20.62 -1.78 -32.34
N VAL B 223 20.72 -1.06 -33.46
CA VAL B 223 20.64 -1.67 -34.77
C VAL B 223 22.03 -2.11 -35.20
N LYS B 224 22.13 -3.37 -35.60
CA LYS B 224 23.39 -3.96 -35.96
C LYS B 224 24.01 -3.21 -37.14
N LYS B 225 25.32 -2.96 -37.08
CA LYS B 225 26.05 -2.32 -38.17
C LYS B 225 25.84 -3.09 -39.48
N GLN B 226 25.77 -4.42 -39.39
CA GLN B 226 25.49 -5.25 -40.55
C GLN B 226 24.19 -4.92 -41.28
N ALA B 227 23.22 -4.31 -40.58
CA ALA B 227 21.90 -4.03 -41.18
C ALA B 227 21.77 -2.74 -42.06
N TYR B 228 22.73 -1.81 -41.98
CA TYR B 228 22.66 -0.54 -42.77
C TYR B 228 23.94 0.02 -43.44
N ARG B 229 23.76 0.82 -44.48
CA ARG B 229 24.89 1.41 -45.19
C ARG B 229 26.21 1.08 -44.49
N ASN B 233 23.96 10.85 -43.97
CA ASN B 233 24.19 9.59 -44.66
C ASN B 233 24.45 8.44 -43.70
N PRO B 234 25.50 8.58 -42.89
CA PRO B 234 25.86 7.54 -41.91
C PRO B 234 25.19 7.48 -40.51
N ASN B 235 24.42 8.51 -40.15
CA ASN B 235 23.68 8.54 -38.89
C ASN B 235 22.18 8.34 -39.08
N ASN B 236 21.83 7.79 -40.24
CA ASN B 236 20.44 7.51 -40.65
C ASN B 236 20.20 6.00 -40.66
N GLY B 237 21.27 5.25 -40.93
CA GLY B 237 21.22 3.82 -41.05
C GLY B 237 20.28 3.21 -40.05
N PRO B 238 20.51 3.50 -38.78
CA PRO B 238 19.55 2.98 -37.80
C PRO B 238 18.11 3.36 -38.08
N LEU B 239 17.83 4.66 -38.27
CA LEU B 239 16.45 5.10 -38.51
C LEU B 239 15.90 4.55 -39.81
N LEU B 240 16.69 4.59 -40.88
CA LEU B 240 16.25 4.07 -42.15
C LEU B 240 16.05 2.58 -42.12
N ALA B 241 16.90 1.88 -41.37
CA ALA B 241 16.82 0.42 -41.31
C ALA B 241 15.50 0.03 -40.68
N ILE B 242 15.14 0.73 -39.61
CA ILE B 242 13.89 0.50 -38.90
C ILE B 242 12.67 0.77 -39.77
N SER B 243 12.62 1.94 -40.41
CA SER B 243 11.44 2.26 -41.22
C SER B 243 11.27 1.21 -42.29
N GLY B 244 12.38 0.65 -42.76
CA GLY B 244 12.35 -0.42 -43.73
C GLY B 244 11.57 -1.66 -43.38
N ILE B 245 11.43 -1.95 -42.09
CA ILE B 245 10.65 -3.11 -41.63
C ILE B 245 9.56 -2.71 -40.65
N LEU B 246 9.30 -1.41 -40.58
CA LEU B 246 8.41 -0.86 -39.56
C LEU B 246 7.03 -1.44 -39.65
N HIS B 247 6.57 -1.66 -40.85
CA HIS B 247 5.21 -2.09 -41.02
C HIS B 247 5.07 -3.60 -41.12
N GLN B 248 6.18 -4.31 -40.99
CA GLN B 248 6.12 -5.77 -40.84
C GLN B 248 6.12 -6.20 -39.38
N LEU B 249 6.45 -5.29 -38.48
CA LEU B 249 6.48 -5.64 -37.08
C LEU B 249 5.06 -6.00 -36.68
N ARG B 250 4.92 -7.06 -35.88
CA ARG B 250 3.62 -7.55 -35.46
C ARG B 250 3.43 -7.40 -33.95
N VAL B 251 2.45 -6.59 -33.58
CA VAL B 251 2.14 -6.35 -32.19
C VAL B 251 1.23 -7.48 -31.71
N GLU B 252 1.61 -8.20 -30.67
CA GLU B 252 0.69 -9.17 -30.11
C GLU B 252 0.30 -8.81 -28.67
N LYS B 253 -0.95 -9.06 -28.29
CA LYS B 253 -1.35 -8.80 -26.92
C LYS B 253 -0.76 -9.85 -25.99
N VAL B 254 -0.20 -9.45 -24.85
CA VAL B 254 0.35 -10.45 -23.92
C VAL B 254 -0.75 -11.18 -23.17
N PRO B 255 -0.75 -12.52 -23.28
CA PRO B 255 -1.79 -13.33 -22.65
C PRO B 255 -1.56 -13.56 -21.17
N GLU B 256 -2.66 -13.62 -20.44
CA GLU B 256 -2.63 -13.65 -18.98
C GLU B 256 -1.93 -12.44 -18.42
N LYS B 257 -2.19 -11.28 -19.04
CA LYS B 257 -1.75 -9.97 -18.54
C LYS B 257 -2.69 -8.87 -19.04
N THR B 258 -2.89 -7.85 -18.22
CA THR B 258 -3.70 -6.70 -18.64
C THR B 258 -2.85 -5.54 -19.21
N SER B 259 -3.41 -4.81 -20.15
CA SER B 259 -2.83 -3.57 -20.64
C SER B 259 -1.39 -3.71 -21.12
N LEU B 260 -1.07 -4.84 -21.74
CA LEU B 260 0.31 -5.16 -22.03
C LEU B 260 0.50 -5.83 -23.39
N PHE B 261 1.36 -5.24 -24.20
CA PHE B 261 1.62 -5.69 -25.55
C PHE B 261 3.11 -5.85 -25.75
N ARG B 262 3.47 -6.69 -26.73
CA ARG B 262 4.87 -6.98 -27.03
C ARG B 262 5.14 -7.06 -28.54
N ILE B 263 6.40 -6.83 -28.92
CA ILE B 263 6.83 -6.95 -30.31
C ILE B 263 8.12 -7.76 -30.39
N SER B 264 8.07 -8.89 -31.10
CA SER B 264 9.29 -9.62 -31.38
C SER B 264 9.99 -8.94 -32.55
N LEU B 265 11.29 -8.75 -32.40
CA LEU B 265 12.11 -8.04 -33.37
C LEU B 265 13.03 -9.01 -34.09
N PRO B 266 13.28 -8.77 -35.39
CA PRO B 266 14.24 -9.62 -36.10
C PRO B 266 15.66 -9.58 -35.50
N ALA B 267 16.26 -10.74 -35.29
CA ALA B 267 17.58 -10.83 -34.69
C ALA B 267 18.67 -10.41 -35.63
N ASP B 268 18.45 -10.64 -36.92
CA ASP B 268 19.44 -10.23 -37.92
C ASP B 268 19.65 -8.71 -37.94
N PHE B 270 18.69 -6.47 -34.89
CA PHE B 270 18.79 -5.89 -33.55
C PHE B 270 19.65 -6.74 -32.61
N SER B 271 20.56 -6.07 -31.91
CA SER B 271 21.48 -6.71 -30.97
C SER B 271 21.07 -6.43 -29.53
N VAL B 272 21.29 -7.39 -28.63
CA VAL B 272 21.04 -7.12 -27.19
C VAL B 272 21.98 -6.08 -26.51
N GLY B 275 17.87 -6.44 -20.90
CA GLY B 275 18.83 -7.54 -20.96
C GLY B 275 18.93 -8.24 -19.62
N SER B 284 16.55 -14.05 -29.14
CA SER B 284 15.70 -13.11 -29.87
C SER B 284 15.20 -11.99 -28.96
N PRO B 285 15.36 -10.75 -29.42
CA PRO B 285 14.92 -9.58 -28.63
C PRO B 285 13.43 -9.25 -28.76
N VAL B 286 12.86 -8.78 -27.66
CA VAL B 286 11.43 -8.49 -27.60
C VAL B 286 11.17 -7.29 -26.72
N VAL B 287 10.32 -6.36 -27.16
CA VAL B 287 9.95 -5.20 -26.36
C VAL B 287 8.52 -5.23 -25.91
N TYR B 288 8.31 -4.95 -24.64
CA TYR B 288 7.00 -4.88 -24.10
C TYR B 288 6.60 -3.44 -23.99
N PHE B 289 5.31 -3.16 -24.11
CA PHE B 289 4.83 -1.81 -23.92
C PHE B 289 3.41 -1.87 -23.40
N GLN B 290 2.95 -0.74 -22.90
CA GLN B 290 1.67 -0.67 -22.26
C GLN B 290 0.69 0.07 -23.14
N ALA B 291 -0.51 -0.50 -23.24
CA ALA B 291 -1.65 0.18 -23.79
C ALA B 291 -2.86 -0.23 -23.00
N PRO B 292 -3.93 0.58 -23.04
CA PRO B 292 -5.15 0.18 -22.37
C PRO B 292 -5.63 -1.20 -22.74
N GLU B 293 -6.11 -1.94 -21.75
CA GLU B 293 -6.60 -3.28 -21.95
C GLU B 293 -7.64 -3.34 -23.07
N ASN B 294 -8.55 -2.37 -23.10
CA ASN B 294 -9.58 -2.29 -24.17
C ASN B 294 -9.17 -1.61 -25.45
N PHE B 295 -7.89 -1.37 -25.63
CA PHE B 295 -7.40 -0.81 -26.86
C PHE B 295 -7.56 -1.86 -27.94
N PRO B 296 -8.10 -1.46 -29.11
CA PRO B 296 -8.38 -2.37 -30.24
C PRO B 296 -7.16 -2.84 -31.02
N LEU B 297 -7.23 -4.06 -31.50
CA LEU B 297 -6.06 -4.74 -32.06
C LEU B 297 -5.78 -4.19 -33.47
N ASN B 298 -6.82 -3.71 -34.15
CA ASN B 298 -6.61 -3.01 -35.41
C ASN B 298 -5.99 -1.59 -35.28
N GLY B 299 -5.72 -1.13 -34.05
CA GLY B 299 -5.24 0.24 -33.81
C GLY B 299 -3.73 0.50 -33.69
N PHE B 300 -2.90 -0.46 -34.12
CA PHE B 300 -1.43 -0.30 -34.10
C PHE B 300 -0.82 -0.17 -35.51
N ASN B 301 -1.55 0.46 -36.43
CA ASN B 301 -1.11 0.49 -37.83
C ASN B 301 -0.54 1.81 -38.26
N ASN B 302 -0.87 2.87 -37.53
CA ASN B 302 -0.34 4.20 -37.75
C ASN B 302 1.02 4.37 -37.05
N ARG B 303 2.06 3.85 -37.68
CA ARG B 303 3.39 3.75 -37.09
C ARG B 303 4.33 4.79 -37.66
N GLN B 304 5.31 5.18 -36.86
CA GLN B 304 6.32 6.12 -37.26
C GLN B 304 7.61 5.86 -36.47
N VAL B 305 8.76 6.17 -37.06
CA VAL B 305 10.05 6.05 -36.40
C VAL B 305 10.50 7.38 -35.84
N VAL B 306 10.85 7.40 -34.57
CA VAL B 306 11.26 8.63 -33.90
C VAL B 306 12.45 8.38 -33.03
N LEU B 307 12.98 9.48 -32.51
CA LEU B 307 14.06 9.42 -31.52
C LEU B 307 13.42 9.75 -30.17
N ALA B 308 13.61 8.89 -29.17
CA ALA B 308 13.11 9.17 -27.83
C ALA B 308 14.19 8.99 -26.76
N TYR B 309 13.97 9.65 -25.64
CA TYR B 309 14.79 9.44 -24.45
C TYR B 309 14.47 8.09 -23.88
N ALA B 310 15.49 7.40 -23.45
CA ALA B 310 15.28 6.19 -22.70
C ALA B 310 15.07 6.57 -21.22
N ASN B 311 15.76 7.60 -20.77
CA ASN B 311 15.66 8.06 -19.40
C ASN B 311 14.25 8.52 -19.11
N PRO B 312 13.53 7.78 -18.25
CA PRO B 312 12.09 7.99 -18.04
C PRO B 312 11.78 9.32 -17.36
N THR B 313 12.77 9.93 -16.72
CA THR B 313 12.60 11.27 -16.16
C THR B 313 12.44 12.34 -17.23
N LEU B 314 12.71 12.00 -18.48
CA LEU B 314 12.64 12.99 -19.57
C LEU B 314 11.52 12.68 -20.61
N SER B 315 10.25 12.94 -20.26
CA SER B 315 9.13 12.56 -21.10
C SER B 315 7.89 13.37 -20.70
#